data_8A4I
#
_entry.id   8A4I
#
_cell.length_a   39.026
_cell.length_b   66.111
_cell.length_c   77.938
_cell.angle_alpha   73.040
_cell.angle_beta   76.433
_cell.angle_gamma   76.140
#
_symmetry.space_group_name_H-M   'P 1'
#
loop_
_entity.id
_entity.type
_entity.pdbx_description
1 polymer 'Sal-like protein 4'
2 polymer "DNA (5'-D(*GP*AP*TP*AP*TP*TP*AP*AP*TP*AP*TP*C)-3')"
3 non-polymer 'ZINC ION'
4 non-polymer 'MAGNESIUM ION'
5 water water
#
loop_
_entity_poly.entity_id
_entity_poly.type
_entity_poly.pdbx_seq_one_letter_code
_entity_poly.pdbx_strand_id
1 'polypeptide(L)' GPDSMPQPRRQAKQHCCTRCGKNFSSASALQIHERTHTGEKPFVCNICGRAFTTKGNLKVHYMTHGANNNSARRG I,J,K,L
2 'polydeoxyribonucleotide' (DG)(DA)(DT)(DA)(DT)(DT)(DA)(DA)(DT)(DA)(DT)(DC) A,B,E,F,G,H,C,D
#
loop_
_chem_comp.id
_chem_comp.type
_chem_comp.name
_chem_comp.formula
DA DNA linking 2'-DEOXYADENOSINE-5'-MONOPHOSPHATE 'C10 H14 N5 O6 P'
DC DNA linking 2'-DEOXYCYTIDINE-5'-MONOPHOSPHATE 'C9 H14 N3 O7 P'
DG DNA linking 2'-DEOXYGUANOSINE-5'-MONOPHOSPHATE 'C10 H14 N5 O7 P'
DT DNA linking THYMIDINE-5'-MONOPHOSPHATE 'C10 H15 N2 O8 P'
MG non-polymer 'MAGNESIUM ION' 'Mg 2'
ZN non-polymer 'ZINC ION' 'Zn 2'
#
# COMPACT_ATOMS: atom_id res chain seq x y z
N GLN A 14 -20.93 -25.31 17.17
CA GLN A 14 -20.18 -26.55 17.08
C GLN A 14 -18.88 -26.36 16.32
N HIS A 15 -18.58 -25.11 15.99
CA HIS A 15 -17.30 -24.79 15.36
C HIS A 15 -16.17 -24.92 16.37
N CYS A 16 -15.03 -25.44 15.93
CA CYS A 16 -13.83 -25.43 16.75
C CYS A 16 -12.69 -24.77 15.98
N CYS A 17 -11.53 -24.70 16.64
CA CYS A 17 -10.38 -23.99 16.11
C CYS A 17 -9.22 -24.98 15.95
N THR A 18 -8.29 -24.66 15.04
CA THR A 18 -7.17 -25.54 14.72
C THR A 18 -5.87 -25.18 15.45
N ARG A 19 -5.50 -23.90 15.47
CA ARG A 19 -4.28 -23.49 16.14
C ARG A 19 -4.41 -23.61 17.66
N CYS A 20 -5.56 -23.22 18.21
CA CYS A 20 -5.90 -23.41 19.62
C CYS A 20 -7.25 -24.13 19.69
N GLY A 21 -7.66 -24.49 20.90
CA GLY A 21 -8.87 -25.28 21.08
C GLY A 21 -10.09 -24.50 21.53
N LYS A 22 -10.47 -23.47 20.78
CA LYS A 22 -11.59 -22.61 21.11
C LYS A 22 -12.81 -22.96 20.25
N ASN A 23 -13.94 -23.20 20.89
CA ASN A 23 -15.19 -23.33 20.15
C ASN A 23 -15.73 -21.94 19.85
N PHE A 24 -16.44 -21.83 18.73
CA PHE A 24 -17.02 -20.56 18.31
C PHE A 24 -18.48 -20.77 17.91
N SER A 25 -19.19 -19.65 17.74
CA SER A 25 -20.62 -19.70 17.45
C SER A 25 -20.86 -19.52 15.96
N SER A 26 -20.64 -18.31 15.45
CA SER A 26 -20.76 -18.11 14.02
C SER A 26 -19.57 -18.77 13.34
N ALA A 27 -19.73 -19.11 12.07
CA ALA A 27 -18.59 -19.58 11.31
C ALA A 27 -17.67 -18.42 10.98
N SER A 28 -18.26 -17.29 10.56
CA SER A 28 -17.54 -16.04 10.45
C SER A 28 -16.78 -15.71 11.73
N ALA A 29 -17.32 -16.12 12.88
CA ALA A 29 -16.62 -15.91 14.14
C ALA A 29 -15.31 -16.70 14.16
N LEU A 30 -15.38 -17.98 13.77
CA LEU A 30 -14.16 -18.78 13.69
C LEU A 30 -13.19 -18.21 12.67
N GLN A 31 -13.70 -17.59 11.61
CA GLN A 31 -12.82 -16.98 10.61
C GLN A 31 -12.07 -15.78 11.20
N ILE A 32 -12.79 -14.88 11.86
CA ILE A 32 -12.14 -13.73 12.47
C ILE A 32 -11.18 -14.17 13.57
N HIS A 33 -11.51 -15.24 14.30
CA HIS A 33 -10.61 -15.67 15.37
C HIS A 33 -9.36 -16.34 14.78
N GLU A 34 -9.51 -17.03 13.66
CA GLU A 34 -8.34 -17.47 12.91
C GLU A 34 -7.48 -16.27 12.52
N ARG A 35 -8.12 -15.19 12.08
CA ARG A 35 -7.39 -13.95 11.83
C ARG A 35 -6.70 -13.43 13.08
N THR A 36 -7.31 -13.66 14.25
CA THR A 36 -6.68 -13.28 15.52
C THR A 36 -5.41 -14.09 15.76
N HIS A 37 -5.37 -15.32 15.26
CA HIS A 37 -4.13 -16.09 15.36
C HIS A 37 -3.10 -15.67 14.31
N THR A 38 -3.52 -15.46 13.07
CA THR A 38 -2.57 -15.29 11.96
C THR A 38 -2.06 -13.87 11.84
N GLY A 39 -2.89 -12.88 12.13
CA GLY A 39 -2.54 -11.50 11.88
C GLY A 39 -3.11 -10.88 10.61
N GLU A 40 -4.14 -11.48 10.02
CA GLU A 40 -4.81 -10.86 8.89
C GLU A 40 -5.73 -9.78 9.42
N LYS A 41 -5.45 -8.53 9.07
CA LYS A 41 -6.22 -7.37 9.50
C LYS A 41 -6.71 -6.71 8.23
N PRO A 42 -7.77 -7.26 7.61
CA PRO A 42 -8.13 -6.86 6.24
C PRO A 42 -8.74 -5.49 6.12
N PHE A 43 -9.13 -4.85 7.22
CA PHE A 43 -9.83 -3.57 7.17
C PHE A 43 -8.83 -2.44 7.34
N VAL A 44 -8.73 -1.61 6.30
CA VAL A 44 -7.72 -0.58 6.20
C VAL A 44 -8.39 0.74 6.50
N CYS A 45 -7.72 1.56 7.29
CA CYS A 45 -8.25 2.85 7.63
C CYS A 45 -7.94 3.77 6.46
N ASN A 46 -8.96 4.39 5.87
CA ASN A 46 -8.63 5.25 4.73
C ASN A 46 -7.94 6.53 5.15
N ILE A 47 -7.83 6.80 6.46
CA ILE A 47 -7.23 8.04 6.94
C ILE A 47 -5.83 7.69 7.39
N CYS A 48 -5.73 6.95 8.49
CA CYS A 48 -4.43 6.56 8.99
C CYS A 48 -4.15 5.15 8.48
N GLY A 49 -2.94 4.65 8.72
CA GLY A 49 -2.68 3.32 8.21
C GLY A 49 -3.10 2.17 9.10
N ARG A 50 -3.79 2.43 10.20
CA ARG A 50 -4.15 1.34 11.10
C ARG A 50 -5.10 0.35 10.46
N ALA A 51 -4.81 -0.95 10.65
CA ALA A 51 -5.54 -2.06 10.06
C ALA A 51 -6.20 -2.86 11.17
N PHE A 52 -7.35 -3.48 10.87
CA PHE A 52 -8.13 -4.11 11.91
C PHE A 52 -8.71 -5.45 11.46
N THR A 53 -8.96 -6.32 12.46
CA THR A 53 -9.45 -7.66 12.21
C THR A 53 -10.92 -7.66 11.81
N THR A 54 -11.75 -6.92 12.53
CA THR A 54 -13.18 -6.85 12.25
C THR A 54 -13.48 -5.50 11.61
N LYS A 55 -14.53 -5.46 10.78
CA LYS A 55 -15.00 -4.19 10.25
C LYS A 55 -15.48 -3.28 11.37
N GLY A 56 -16.10 -3.86 12.39
CA GLY A 56 -16.61 -3.05 13.49
C GLY A 56 -15.50 -2.35 14.24
N ASN A 57 -14.40 -3.05 14.50
CA ASN A 57 -13.25 -2.43 15.15
C ASN A 57 -12.71 -1.27 14.31
N LEU A 58 -12.70 -1.42 12.98
CA LEU A 58 -12.25 -0.33 12.12
C LEU A 58 -13.19 0.86 12.23
N LYS A 59 -14.51 0.62 12.29
CA LYS A 59 -15.44 1.72 12.50
C LYS A 59 -15.22 2.39 13.85
N VAL A 60 -14.96 1.58 14.88
CA VAL A 60 -14.62 2.08 16.20
C VAL A 60 -13.48 3.09 16.07
N HIS A 61 -12.35 2.63 15.52
CA HIS A 61 -11.20 3.52 15.34
C HIS A 61 -11.56 4.72 14.47
N TYR A 62 -12.36 4.50 13.42
CA TYR A 62 -12.75 5.57 12.50
C TYR A 62 -13.38 6.74 13.24
N MET A 63 -14.16 6.43 14.27
CA MET A 63 -14.76 7.50 15.07
C MET A 63 -13.71 8.46 15.64
N THR A 64 -12.47 8.00 15.84
CA THR A 64 -11.45 8.80 16.54
C THR A 64 -11.10 10.10 15.81
N HIS A 65 -10.64 10.02 14.55
CA HIS A 65 -10.26 11.27 13.90
C HIS A 65 -11.47 12.12 13.52
N GLY A 66 -12.65 11.51 13.44
CA GLY A 66 -13.80 12.23 12.92
C GLY A 66 -14.31 13.31 13.85
N ALA A 67 -14.00 13.22 15.15
CA ALA A 67 -14.48 14.20 16.14
C ALA A 67 -13.45 15.32 16.34
N GLN B 14 26.54 17.31 -14.30
CA GLN B 14 25.27 16.65 -14.60
C GLN B 14 24.23 17.67 -15.07
N HIS B 15 22.97 17.21 -15.13
CA HIS B 15 21.85 18.08 -15.50
C HIS B 15 21.20 18.63 -14.23
N CYS B 16 21.93 19.52 -13.56
CA CYS B 16 21.41 20.21 -12.40
C CYS B 16 20.55 21.40 -12.83
N CYS B 17 19.40 21.54 -12.17
CA CYS B 17 18.45 22.59 -12.49
C CYS B 17 18.99 23.95 -12.01
N THR B 18 18.49 25.02 -12.64
CA THR B 18 18.97 26.37 -12.35
C THR B 18 18.13 27.09 -11.30
N ARG B 19 16.79 27.01 -11.41
CA ARG B 19 15.93 27.67 -10.43
C ARG B 19 15.98 26.95 -9.09
N CYS B 20 15.99 25.63 -9.11
CA CYS B 20 16.15 24.82 -7.91
C CYS B 20 17.32 23.86 -8.13
N GLY B 21 17.66 23.11 -7.09
CA GLY B 21 18.82 22.23 -7.20
C GLY B 21 18.55 20.76 -7.43
N LYS B 22 17.77 20.41 -8.44
CA LYS B 22 17.50 19.02 -8.75
C LYS B 22 18.32 18.64 -9.98
N ASN B 23 19.25 17.71 -9.80
CA ASN B 23 19.99 17.12 -10.90
C ASN B 23 19.27 15.91 -11.44
N PHE B 24 19.46 15.66 -12.73
CA PHE B 24 18.90 14.49 -13.39
C PHE B 24 19.97 13.89 -14.29
N SER B 25 19.68 12.71 -14.83
CA SER B 25 20.66 12.01 -15.64
C SER B 25 20.46 12.34 -17.11
N SER B 26 19.21 12.44 -17.55
CA SER B 26 18.89 12.82 -18.92
C SER B 26 18.57 14.30 -19.00
N ALA B 27 18.76 14.87 -20.19
CA ALA B 27 18.42 16.26 -20.46
C ALA B 27 16.91 16.44 -20.62
N SER B 28 16.26 15.54 -21.37
CA SER B 28 14.79 15.54 -21.42
C SER B 28 14.18 15.58 -20.03
N ALA B 29 14.84 14.97 -19.05
CA ALA B 29 14.34 14.99 -17.68
C ALA B 29 14.35 16.40 -17.12
N LEU B 30 15.49 17.10 -17.23
CA LEU B 30 15.53 18.47 -16.74
C LEU B 30 14.59 19.38 -17.52
N GLN B 31 14.37 19.12 -18.82
CA GLN B 31 13.45 19.97 -19.57
C GLN B 31 12.02 19.79 -19.09
N ILE B 32 11.57 18.54 -18.96
CA ILE B 32 10.22 18.29 -18.48
C ILE B 32 10.05 18.82 -17.07
N HIS B 33 11.09 18.70 -16.24
CA HIS B 33 11.02 19.17 -14.86
C HIS B 33 11.05 20.70 -14.77
N GLU B 34 11.82 21.35 -15.65
CA GLU B 34 11.81 22.80 -15.76
C GLU B 34 10.44 23.34 -16.13
N ARG B 35 9.72 22.63 -17.01
CA ARG B 35 8.39 23.09 -17.39
C ARG B 35 7.47 23.28 -16.19
N THR B 36 7.65 22.49 -15.12
CA THR B 36 6.87 22.73 -13.90
C THR B 36 7.24 24.05 -13.25
N HIS B 37 8.48 24.50 -13.43
CA HIS B 37 8.88 25.79 -12.88
C HIS B 37 8.35 26.92 -13.75
N THR B 38 8.41 26.76 -15.07
CA THR B 38 8.07 27.85 -15.97
C THR B 38 6.56 27.96 -16.18
N GLY B 39 5.87 26.82 -16.21
CA GLY B 39 4.47 26.78 -16.55
C GLY B 39 4.22 26.46 -18.00
N GLU B 40 5.23 26.00 -18.73
CA GLU B 40 5.08 25.66 -20.14
C GLU B 40 4.32 24.36 -20.28
N LYS B 41 3.17 24.41 -20.95
CA LYS B 41 2.31 23.25 -21.18
C LYS B 41 2.16 23.09 -22.69
N PRO B 42 3.19 22.55 -23.34
CA PRO B 42 3.19 22.57 -24.81
C PRO B 42 2.21 21.62 -25.48
N PHE B 43 1.73 20.59 -24.78
CA PHE B 43 0.81 19.62 -25.36
C PHE B 43 -0.61 19.96 -24.93
N VAL B 44 -1.44 20.35 -25.90
CA VAL B 44 -2.80 20.80 -25.64
C VAL B 44 -3.78 19.74 -26.14
N CYS B 45 -4.86 19.52 -25.40
CA CYS B 45 -5.85 18.54 -25.80
C CYS B 45 -6.75 19.13 -26.88
N ASN B 46 -6.84 18.41 -28.01
CA ASN B 46 -7.63 18.87 -29.15
C ASN B 46 -9.13 18.85 -28.90
N ILE B 47 -9.58 18.33 -27.75
CA ILE B 47 -11.00 18.19 -27.45
C ILE B 47 -11.45 19.28 -26.48
N CYS B 48 -10.92 19.23 -25.27
CA CYS B 48 -11.32 20.15 -24.20
C CYS B 48 -10.44 21.38 -24.09
N GLY B 49 -9.20 21.32 -24.58
CA GLY B 49 -8.28 22.42 -24.48
C GLY B 49 -7.46 22.45 -23.22
N ARG B 50 -7.59 21.44 -22.36
CA ARG B 50 -6.76 21.36 -21.17
C ARG B 50 -5.32 21.10 -21.61
N ALA B 51 -4.37 21.76 -20.95
CA ALA B 51 -2.99 21.72 -21.38
C ALA B 51 -2.11 20.97 -20.38
N PHE B 52 -1.10 20.28 -20.91
CA PHE B 52 -0.26 19.38 -20.14
C PHE B 52 1.17 19.55 -20.62
N THR B 53 2.13 19.18 -19.76
CA THR B 53 3.52 19.27 -20.15
C THR B 53 3.89 18.17 -21.14
N THR B 54 3.43 16.94 -20.91
CA THR B 54 3.87 15.80 -21.70
C THR B 54 2.79 15.35 -22.69
N LYS B 55 3.27 14.76 -23.80
CA LYS B 55 2.38 14.06 -24.72
C LYS B 55 1.73 12.86 -24.06
N GLY B 56 2.43 12.18 -23.16
CA GLY B 56 1.88 11.00 -22.53
C GLY B 56 0.67 11.28 -21.65
N ASN B 57 0.77 12.32 -20.82
CA ASN B 57 -0.40 12.73 -20.03
C ASN B 57 -1.55 13.14 -20.94
N LEU B 58 -1.24 13.78 -22.08
CA LEU B 58 -2.29 14.12 -23.02
C LEU B 58 -2.94 12.85 -23.58
N LYS B 59 -2.15 11.81 -23.84
CA LYS B 59 -2.70 10.54 -24.29
C LYS B 59 -3.59 9.93 -23.22
N VAL B 60 -3.18 10.01 -21.96
CA VAL B 60 -4.01 9.56 -20.84
C VAL B 60 -5.36 10.28 -20.88
N HIS B 61 -5.31 11.61 -20.86
CA HIS B 61 -6.53 12.42 -20.86
C HIS B 61 -7.40 12.07 -22.07
N TYR B 62 -6.79 11.90 -23.25
CA TYR B 62 -7.53 11.46 -24.41
C TYR B 62 -8.23 10.14 -24.14
N MET B 63 -7.56 9.22 -23.43
CA MET B 63 -8.19 7.97 -23.04
C MET B 63 -9.42 8.23 -22.17
N THR B 64 -9.41 9.35 -21.43
CA THR B 64 -10.56 9.64 -20.57
C THR B 64 -11.82 9.84 -21.43
N HIS B 65 -11.78 10.79 -22.36
CA HIS B 65 -12.87 11.05 -23.29
C HIS B 65 -13.41 9.78 -23.95
N HIS C 15 23.58 -22.77 12.77
CA HIS C 15 22.17 -22.44 13.00
C HIS C 15 21.30 -23.67 12.81
N CYS C 16 21.23 -24.51 13.84
CA CYS C 16 20.56 -25.79 13.73
C CYS C 16 19.10 -25.68 14.16
N CYS C 17 18.42 -26.83 14.18
CA CYS C 17 16.99 -26.92 14.38
C CYS C 17 16.70 -27.68 15.68
N THR C 18 15.53 -27.43 16.25
CA THR C 18 15.14 -28.05 17.53
C THR C 18 14.29 -29.30 17.33
N ARG C 19 13.32 -29.25 16.42
CA ARG C 19 12.46 -30.40 16.19
C ARG C 19 13.20 -31.54 15.51
N CYS C 20 14.06 -31.23 14.55
CA CYS C 20 14.90 -32.20 13.85
C CYS C 20 16.36 -31.75 13.93
N GLY C 21 17.25 -32.58 13.40
CA GLY C 21 18.66 -32.28 13.47
C GLY C 21 19.20 -31.67 12.19
N LYS C 22 18.56 -30.60 11.72
CA LYS C 22 18.96 -29.91 10.50
C LYS C 22 19.65 -28.61 10.88
N ASN C 23 20.90 -28.44 10.44
CA ASN C 23 21.62 -27.19 10.56
C ASN C 23 21.36 -26.28 9.36
N PHE C 24 21.47 -24.98 9.60
CA PHE C 24 21.33 -23.97 8.56
C PHE C 24 22.47 -22.96 8.69
N SER C 25 22.66 -22.14 7.67
CA SER C 25 23.76 -21.17 7.64
C SER C 25 23.27 -19.73 7.49
N SER C 26 21.97 -19.49 7.71
CA SER C 26 21.40 -18.15 7.63
C SER C 26 20.37 -18.01 8.75
N ALA C 27 20.09 -16.76 9.13
CA ALA C 27 19.05 -16.53 10.13
C ALA C 27 17.65 -16.68 9.55
N SER C 28 17.39 -16.01 8.42
CA SER C 28 16.15 -16.22 7.70
C SER C 28 15.90 -17.69 7.40
N ALA C 29 16.97 -18.47 7.21
CA ALA C 29 16.81 -19.89 6.90
C ALA C 29 16.20 -20.65 8.07
N LEU C 30 16.77 -20.48 9.27
CA LEU C 30 16.20 -21.16 10.43
C LEU C 30 14.79 -20.67 10.71
N GLN C 31 14.52 -19.40 10.44
CA GLN C 31 13.16 -18.90 10.67
C GLN C 31 12.16 -19.54 9.71
N ILE C 32 12.51 -19.58 8.42
CA ILE C 32 11.63 -20.17 7.42
C ILE C 32 11.39 -21.66 7.70
N HIS C 33 12.43 -22.39 8.12
CA HIS C 33 12.19 -23.82 8.34
C HIS C 33 11.39 -24.08 9.63
N GLU C 34 11.58 -23.26 10.67
CA GLU C 34 10.69 -23.37 11.82
C GLU C 34 9.24 -23.13 11.41
N ARG C 35 9.00 -22.11 10.57
CA ARG C 35 7.66 -21.91 10.05
C ARG C 35 7.19 -23.11 9.23
N THR C 36 8.12 -23.80 8.57
CA THR C 36 7.76 -25.02 7.86
C THR C 36 7.31 -26.12 8.81
N HIS C 37 7.84 -26.14 10.04
CA HIS C 37 7.36 -27.12 11.01
C HIS C 37 6.03 -26.75 11.63
N THR C 38 5.84 -25.49 12.02
CA THR C 38 4.64 -25.17 12.81
C THR C 38 3.39 -24.98 11.96
N GLY C 39 3.53 -24.49 10.73
CA GLY C 39 2.39 -24.09 9.95
C GLY C 39 2.17 -22.59 9.90
N GLU C 40 3.19 -21.80 10.24
CA GLU C 40 3.11 -20.35 10.19
C GLU C 40 3.25 -19.87 8.75
N LYS C 41 2.21 -19.21 8.26
CA LYS C 41 2.18 -18.65 6.90
C LYS C 41 1.85 -17.17 7.03
N PRO C 42 2.84 -16.34 7.39
CA PRO C 42 2.53 -14.96 7.78
C PRO C 42 2.09 -14.04 6.64
N PHE C 43 2.36 -14.39 5.39
CA PHE C 43 2.03 -13.53 4.25
C PHE C 43 0.74 -14.00 3.59
N VAL C 44 -0.30 -13.16 3.67
CA VAL C 44 -1.63 -13.49 3.18
C VAL C 44 -1.94 -12.65 1.95
N CYS C 45 -2.62 -13.25 0.98
CA CYS C 45 -2.94 -12.56 -0.27
C CYS C 45 -4.13 -11.64 -0.09
N ASN C 46 -3.95 -10.36 -0.45
CA ASN C 46 -5.02 -9.35 -0.31
C ASN C 46 -6.16 -9.56 -1.29
N ILE C 47 -6.05 -10.53 -2.19
CA ILE C 47 -7.07 -10.79 -3.19
C ILE C 47 -7.89 -12.00 -2.74
N CYS C 48 -7.24 -13.16 -2.71
CA CYS C 48 -7.90 -14.42 -2.40
C CYS C 48 -7.75 -14.84 -0.94
N GLY C 49 -6.71 -14.40 -0.25
CA GLY C 49 -6.48 -14.77 1.13
C GLY C 49 -5.61 -15.98 1.34
N ARG C 50 -5.03 -16.53 0.28
CA ARG C 50 -4.13 -17.65 0.44
C ARG C 50 -2.87 -17.19 1.15
N ALA C 51 -2.39 -18.01 2.09
CA ALA C 51 -1.27 -17.66 2.93
C ALA C 51 -0.08 -18.57 2.64
N PHE C 52 1.12 -18.01 2.82
CA PHE C 52 2.36 -18.71 2.48
C PHE C 52 3.42 -18.48 3.54
N THR C 53 4.35 -19.44 3.61
CA THR C 53 5.44 -19.36 4.58
C THR C 53 6.47 -18.31 4.16
N THR C 54 6.76 -18.20 2.86
CA THR C 54 7.76 -17.26 2.37
C THR C 54 7.07 -16.06 1.71
N LYS C 55 7.72 -14.90 1.76
CA LYS C 55 7.25 -13.75 0.99
C LYS C 55 7.38 -14.01 -0.52
N GLY C 56 8.46 -14.69 -0.93
CA GLY C 56 8.72 -14.89 -2.34
C GLY C 56 7.66 -15.76 -3.01
N ASN C 57 7.28 -16.85 -2.34
CA ASN C 57 6.18 -17.67 -2.85
C ASN C 57 4.91 -16.85 -2.99
N LEU C 58 4.68 -15.93 -2.05
CA LEU C 58 3.50 -15.06 -2.14
C LEU C 58 3.57 -14.15 -3.35
N LYS C 59 4.75 -13.60 -3.66
CA LYS C 59 4.88 -12.79 -4.88
C LYS C 59 4.63 -13.64 -6.12
N VAL C 60 5.15 -14.87 -6.11
CA VAL C 60 4.87 -15.83 -7.18
C VAL C 60 3.38 -15.96 -7.39
N HIS C 61 2.64 -16.26 -6.31
CA HIS C 61 1.19 -16.38 -6.39
C HIS C 61 0.53 -15.10 -6.87
N TYR C 62 0.95 -13.95 -6.32
CA TYR C 62 0.34 -12.68 -6.71
C TYR C 62 0.40 -12.46 -8.21
N MET C 63 1.49 -12.92 -8.83
CA MET C 63 1.59 -12.83 -10.29
C MET C 63 0.41 -13.50 -11.00
N THR C 64 -0.25 -14.47 -10.38
CA THR C 64 -1.31 -15.24 -11.04
C THR C 64 -2.51 -14.38 -11.45
N HIS C 65 -3.00 -13.54 -10.53
CA HIS C 65 -4.38 -13.08 -10.61
C HIS C 65 -4.65 -12.14 -11.79
N GLY C 66 -3.84 -11.11 -11.95
CA GLY C 66 -4.08 -10.08 -12.95
C GLY C 66 -4.31 -10.58 -14.36
N LYS D 13 -19.25 23.62 3.98
CA LYS D 13 -18.09 23.39 4.81
C LYS D 13 -16.82 23.29 3.96
N GLN D 14 -15.85 24.17 4.25
CA GLN D 14 -14.53 24.11 3.64
C GLN D 14 -13.49 24.31 4.75
N HIS D 15 -12.35 23.64 4.60
CA HIS D 15 -11.28 23.71 5.58
C HIS D 15 -9.99 24.07 4.85
N CYS D 16 -9.55 25.32 5.04
CA CYS D 16 -8.22 25.71 4.60
C CYS D 16 -7.16 24.90 5.35
N CYS D 17 -5.94 24.97 4.84
CA CYS D 17 -4.83 24.21 5.40
C CYS D 17 -4.07 25.04 6.43
N THR D 18 -3.32 24.33 7.28
CA THR D 18 -2.53 24.96 8.33
C THR D 18 -1.11 25.26 7.86
N ARG D 19 -0.48 24.28 7.20
CA ARG D 19 0.87 24.47 6.68
C ARG D 19 0.89 25.37 5.44
N CYS D 20 -0.06 25.20 4.52
CA CYS D 20 -0.16 26.01 3.31
C CYS D 20 -1.58 26.57 3.21
N GLY D 21 -1.83 27.36 2.17
CA GLY D 21 -3.12 28.00 2.05
C GLY D 21 -4.11 27.37 1.08
N LYS D 22 -4.36 26.07 1.23
CA LYS D 22 -5.30 25.34 0.37
C LYS D 22 -6.58 25.02 1.14
N ASN D 23 -7.72 25.44 0.59
CA ASN D 23 -9.00 24.99 1.11
C ASN D 23 -9.35 23.65 0.49
N PHE D 24 -10.10 22.83 1.25
CA PHE D 24 -10.42 21.47 0.82
C PHE D 24 -11.91 21.19 1.00
N SER D 25 -12.31 20.00 0.56
CA SER D 25 -13.72 19.60 0.56
C SER D 25 -14.08 18.77 1.80
N SER D 26 -13.42 17.63 1.96
CA SER D 26 -13.65 16.76 3.11
C SER D 26 -12.61 17.01 4.19
N ALA D 27 -12.92 16.58 5.40
CA ALA D 27 -11.96 16.65 6.49
C ALA D 27 -10.83 15.64 6.28
N SER D 28 -11.19 14.43 5.86
CA SER D 28 -10.22 13.43 5.43
C SER D 28 -9.25 14.05 4.44
N ALA D 29 -9.72 15.01 3.64
CA ALA D 29 -8.83 15.67 2.67
C ALA D 29 -7.74 16.44 3.40
N LEU D 30 -8.12 17.24 4.41
CA LEU D 30 -7.13 17.98 5.16
C LEU D 30 -6.16 17.04 5.86
N GLN D 31 -6.63 15.87 6.32
CA GLN D 31 -5.71 14.95 6.99
C GLN D 31 -4.72 14.30 6.02
N ILE D 32 -5.21 13.76 4.90
CA ILE D 32 -4.32 13.12 3.95
C ILE D 32 -3.32 14.12 3.38
N HIS D 33 -3.77 15.35 3.11
CA HIS D 33 -2.84 16.35 2.61
C HIS D 33 -1.88 16.82 3.70
N GLU D 34 -2.32 16.81 4.96
CA GLU D 34 -1.40 17.06 6.06
C GLU D 34 -0.25 16.05 6.03
N ARG D 35 -0.58 14.77 5.80
CA ARG D 35 0.49 13.79 5.63
C ARG D 35 1.34 14.07 4.40
N THR D 36 0.76 14.65 3.34
CA THR D 36 1.59 15.05 2.21
C THR D 36 2.60 16.10 2.63
N HIS D 37 2.25 16.92 3.62
CA HIS D 37 3.24 17.84 4.18
C HIS D 37 4.23 17.12 5.08
N THR D 38 3.78 16.12 5.83
CA THR D 38 4.59 15.51 6.87
C THR D 38 5.60 14.52 6.31
N GLY D 39 5.24 13.78 5.26
CA GLY D 39 6.08 12.72 4.75
C GLY D 39 5.73 11.35 5.29
N GLU D 40 4.55 11.20 5.90
CA GLU D 40 4.08 9.94 6.45
C GLU D 40 3.49 9.06 5.36
N LYS D 41 4.05 7.86 5.19
CA LYS D 41 3.57 6.89 4.21
C LYS D 41 3.21 5.60 4.92
N PRO D 42 2.08 5.57 5.63
CA PRO D 42 1.72 4.42 6.46
C PRO D 42 1.24 3.20 5.69
N PHE D 43 0.96 3.33 4.38
CA PHE D 43 0.39 2.22 3.63
C PHE D 43 1.50 1.37 3.06
N VAL D 44 1.61 0.14 3.57
CA VAL D 44 2.73 -0.75 3.29
C VAL D 44 2.30 -1.90 2.39
N CYS D 45 3.17 -2.26 1.44
CA CYS D 45 2.98 -3.40 0.56
C CYS D 45 3.43 -4.68 1.27
N ASN D 46 2.56 -5.70 1.29
CA ASN D 46 2.92 -6.96 1.94
C ASN D 46 4.03 -7.71 1.21
N ILE D 47 4.45 -7.25 0.04
CA ILE D 47 5.42 -7.97 -0.76
C ILE D 47 6.80 -7.32 -0.67
N CYS D 48 6.92 -6.10 -1.20
CA CYS D 48 8.20 -5.42 -1.32
C CYS D 48 8.52 -4.46 -0.16
N GLY D 49 7.57 -4.19 0.74
CA GLY D 49 7.84 -3.27 1.83
C GLY D 49 7.78 -1.80 1.46
N ARG D 50 7.35 -1.50 0.24
CA ARG D 50 7.21 -0.11 -0.20
C ARG D 50 6.12 0.62 0.58
N ALA D 51 6.34 1.91 0.84
CA ALA D 51 5.43 2.71 1.64
C ALA D 51 4.74 3.74 0.75
N PHE D 52 3.48 4.06 1.09
CA PHE D 52 2.65 4.89 0.23
C PHE D 52 1.84 5.87 1.06
N THR D 53 1.53 7.00 0.42
CA THR D 53 0.79 8.07 1.07
C THR D 53 -0.69 7.75 1.21
N THR D 54 -1.32 7.25 0.15
CA THR D 54 -2.75 7.01 0.11
C THR D 54 -3.06 5.52 0.12
N LYS D 55 -4.24 5.16 0.62
CA LYS D 55 -4.72 3.79 0.48
C LYS D 55 -4.91 3.44 -1.00
N GLY D 56 -5.40 4.41 -1.78
CA GLY D 56 -5.63 4.18 -3.19
C GLY D 56 -4.35 3.97 -3.96
N ASN D 57 -3.31 4.75 -3.62
CA ASN D 57 -2.00 4.57 -4.25
C ASN D 57 -1.49 3.15 -4.02
N LEU D 58 -1.68 2.62 -2.79
CA LEU D 58 -1.29 1.23 -2.52
C LEU D 58 -2.15 0.25 -3.31
N LYS D 59 -3.45 0.53 -3.44
CA LYS D 59 -4.32 -0.34 -4.23
C LYS D 59 -3.84 -0.41 -5.67
N VAL D 60 -3.45 0.73 -6.25
CA VAL D 60 -2.84 0.73 -7.57
C VAL D 60 -1.55 -0.09 -7.59
N HIS D 61 -0.61 0.27 -6.70
CA HIS D 61 0.71 -0.34 -6.70
C HIS D 61 0.64 -1.87 -6.66
N TYR D 62 -0.28 -2.41 -5.86
CA TYR D 62 -0.43 -3.86 -5.82
C TYR D 62 -0.64 -4.44 -7.22
N MET D 63 -1.37 -3.72 -8.07
CA MET D 63 -1.57 -4.19 -9.44
C MET D 63 -0.26 -4.38 -10.19
N THR D 64 0.79 -3.62 -9.83
CA THR D 64 2.06 -3.74 -10.53
C THR D 64 2.67 -5.13 -10.34
N HIS D 65 2.25 -5.85 -9.30
CA HIS D 65 2.77 -7.18 -9.01
C HIS D 65 1.94 -8.29 -9.65
N GLY D 66 0.89 -7.95 -10.40
CA GLY D 66 0.05 -8.96 -11.02
C GLY D 66 0.24 -9.09 -12.51
N ALA D 67 0.60 -8.00 -13.19
CA ALA D 67 0.71 -7.97 -14.63
C ALA D 67 2.16 -8.12 -15.08
N ASN D 68 2.33 -8.47 -16.34
CA ASN D 68 3.65 -8.65 -16.93
C ASN D 68 3.84 -7.70 -18.11
ZN ZN M . -7.81 -20.21 17.88
ZN ZN N . -7.57 5.86 11.51
ZN ZN O . 14.09 22.53 -10.94
ZN ZN P . -9.64 16.90 -23.50
ZN ZN Q . -4.52 -14.46 -4.33
ZN ZN R . 13.56 -29.09 11.61
ZN ZN S . -1.31 22.33 3.10
ZN ZN T . 4.97 -3.77 -3.64
MG MG U . -1.49 16.14 -6.48
MG MG V . 6.50 -2.68 -10.46
MG MG W . -11.37 -1.25 2.43
#